data_4DOL
#
_entry.id   4DOL
#
_cell.length_a   51.908
_cell.length_b   52.911
_cell.length_c   95.563
_cell.angle_alpha   90.000
_cell.angle_beta   90.000
_cell.angle_gamma   90.000
#
_symmetry.space_group_name_H-M   'P 21 21 21'
#
loop_
_entity.id
_entity.type
_entity.pdbx_description
1 polymer At1g53520
2 non-polymer 'PALMITIC ACID'
3 water water
#
_entity_poly.entity_id   1
_entity_poly.type   'polypeptide(L)'
_entity_poly.pdbx_seq_one_letter_code
;KSAASSVGNAEDYAEETATSVKFKRSVTLPGCSSPLSLLGTGFREKKFAIIGVKVYAAGYYVNESILSGLSAWTGRSADE
IQRDSSLFVSIFQAQAEKSLQIVLVRDVDGKTFWDALDEAISPRIKSPSSEDTTALSTFCCIFQNRPLNKGSVILLTWIN
TSNMLVSVSSGGLPTNVDATIESGNVTSALFDVFFGDSPVSPTLKSSVANQLAMTLV
;
_entity_poly.pdbx_strand_id   A
#
loop_
_chem_comp.id
_chem_comp.type
_chem_comp.name
_chem_comp.formula
PLM non-polymer 'PALMITIC ACID' 'C16 H32 O2'
#
# COMPACT_ATOMS: atom_id res chain seq x y z
N GLU A 11 -20.44 -4.02 -8.27
CA GLU A 11 -21.18 -3.87 -6.98
C GLU A 11 -20.52 -2.76 -6.17
N ASP A 12 -20.69 -2.83 -4.85
CA ASP A 12 -20.11 -1.86 -3.93
C ASP A 12 -18.76 -2.38 -3.44
N TYR A 13 -18.58 -3.69 -3.53
CA TYR A 13 -17.34 -4.34 -3.09
C TYR A 13 -16.70 -5.18 -4.19
N ALA A 14 -15.37 -5.27 -4.12
CA ALA A 14 -14.61 -6.06 -5.07
C ALA A 14 -14.03 -7.22 -4.25
N GLU A 15 -13.75 -8.34 -4.90
CA GLU A 15 -13.21 -9.48 -4.17
C GLU A 15 -11.82 -9.83 -4.65
N GLU A 16 -10.90 -10.01 -3.70
CA GLU A 16 -9.53 -10.37 -4.03
C GLU A 16 -9.57 -11.88 -4.29
N THR A 17 -9.32 -12.26 -5.54
CA THR A 17 -9.33 -13.65 -5.99
C THR A 17 -8.78 -14.72 -5.03
N ALA A 18 -7.49 -14.63 -4.74
CA ALA A 18 -6.82 -15.61 -3.88
C ALA A 18 -7.32 -15.78 -2.46
N THR A 19 -7.59 -14.68 -1.77
CA THR A 19 -8.01 -14.74 -0.38
C THR A 19 -9.51 -14.55 -0.16
N SER A 20 -10.21 -14.09 -1.19
CA SER A 20 -11.64 -13.82 -1.11
C SER A 20 -11.98 -12.63 -0.23
N VAL A 21 -10.95 -11.89 0.20
CA VAL A 21 -11.18 -10.71 1.04
C VAL A 21 -11.86 -9.64 0.22
N LYS A 22 -12.91 -9.03 0.77
CA LYS A 22 -13.64 -7.99 0.07
C LYS A 22 -13.10 -6.60 0.36
N PHE A 23 -13.04 -5.78 -0.68
CA PHE A 23 -12.57 -4.40 -0.58
C PHE A 23 -13.66 -3.49 -1.16
N LYS A 24 -14.09 -2.51 -0.37
CA LYS A 24 -15.12 -1.58 -0.83
C LYS A 24 -14.53 -0.76 -1.97
N ARG A 25 -15.29 -0.59 -3.04
CA ARG A 25 -14.83 0.17 -4.20
C ARG A 25 -14.64 1.66 -3.94
N SER A 26 -15.43 2.21 -3.02
CA SER A 26 -15.30 3.61 -2.67
C SER A 26 -15.25 3.66 -1.15
N VAL A 27 -14.25 4.34 -0.62
CA VAL A 27 -14.11 4.41 0.83
C VAL A 27 -13.70 5.76 1.37
N THR A 28 -14.07 6.01 2.62
CA THR A 28 -13.71 7.23 3.33
C THR A 28 -12.63 6.76 4.30
N LEU A 29 -11.44 7.36 4.22
CA LEU A 29 -10.34 6.96 5.09
C LEU A 29 -9.91 8.04 6.06
N PRO A 30 -9.34 7.64 7.22
CA PRO A 30 -8.88 8.60 8.22
C PRO A 30 -7.94 9.67 7.66
N GLY A 31 -8.25 10.93 7.96
CA GLY A 31 -7.42 12.03 7.49
C GLY A 31 -7.55 12.42 6.04
N CYS A 32 -8.40 11.72 5.28
CA CYS A 32 -8.59 12.04 3.87
C CYS A 32 -9.89 12.80 3.65
N SER A 33 -9.79 13.94 2.99
CA SER A 33 -10.96 14.77 2.71
C SER A 33 -11.99 14.08 1.82
N SER A 34 -11.58 13.70 0.62
CA SER A 34 -12.47 13.06 -0.33
C SER A 34 -12.40 11.54 -0.30
N PRO A 35 -13.49 10.87 -0.73
CA PRO A 35 -13.48 9.41 -0.73
C PRO A 35 -12.48 8.94 -1.78
N LEU A 36 -11.94 7.75 -1.58
CA LEU A 36 -10.97 7.21 -2.54
C LEU A 36 -11.58 6.02 -3.26
N SER A 37 -11.13 5.83 -4.50
CA SER A 37 -11.62 4.72 -5.31
C SER A 37 -10.59 3.61 -5.43
N LEU A 38 -11.09 2.37 -5.34
CA LEU A 38 -10.24 1.19 -5.44
C LEU A 38 -9.65 1.09 -6.84
N LEU A 39 -8.33 0.97 -6.92
CA LEU A 39 -7.64 0.88 -8.19
C LEU A 39 -7.14 -0.54 -8.46
N GLY A 40 -6.96 -1.33 -7.41
CA GLY A 40 -6.50 -2.69 -7.60
C GLY A 40 -6.40 -3.50 -6.32
N THR A 41 -6.38 -4.83 -6.46
CA THR A 41 -6.26 -5.72 -5.32
C THR A 41 -5.26 -6.82 -5.61
N GLY A 42 -4.78 -7.47 -4.57
CA GLY A 42 -3.82 -8.54 -4.76
C GLY A 42 -3.50 -9.18 -3.43
N PHE A 43 -2.63 -10.16 -3.43
CA PHE A 43 -2.25 -10.82 -2.20
C PHE A 43 -0.74 -10.89 -2.10
N ARG A 44 -0.25 -11.08 -0.88
CA ARG A 44 1.18 -11.18 -0.64
C ARG A 44 1.40 -12.54 0.00
N GLU A 45 2.24 -13.36 -0.61
CA GLU A 45 2.54 -14.66 -0.06
C GLU A 45 4.03 -14.75 0.23
N LYS A 46 4.39 -15.56 1.22
CA LYS A 46 5.79 -15.73 1.59
C LYS A 46 6.03 -17.14 2.07
N LYS A 47 7.21 -17.66 1.79
CA LYS A 47 7.57 -19.00 2.21
C LYS A 47 8.45 -18.87 3.45
N PHE A 48 7.91 -19.23 4.61
CA PHE A 48 8.65 -19.17 5.86
C PHE A 48 9.35 -20.49 6.10
N ALA A 49 8.75 -21.56 5.60
CA ALA A 49 9.29 -22.90 5.78
C ALA A 49 9.45 -23.68 4.49
N ILE A 50 8.47 -24.51 4.18
CA ILE A 50 8.52 -25.34 2.98
C ILE A 50 7.66 -24.84 1.82
N ILE A 51 6.42 -24.48 2.11
CA ILE A 51 5.52 -24.00 1.08
C ILE A 51 5.14 -22.55 1.33
N GLY A 52 4.92 -21.81 0.25
CA GLY A 52 4.54 -20.41 0.39
C GLY A 52 3.12 -20.33 0.94
N VAL A 53 2.86 -19.32 1.76
CA VAL A 53 1.54 -19.13 2.33
C VAL A 53 1.09 -17.70 2.13
N LYS A 54 -0.23 -17.51 2.05
CA LYS A 54 -0.79 -16.18 1.88
C LYS A 54 -0.74 -15.47 3.22
N VAL A 55 -0.15 -14.27 3.25
CA VAL A 55 -0.03 -13.53 4.49
C VAL A 55 -1.11 -12.47 4.59
N TYR A 56 -1.37 -11.78 3.49
CA TYR A 56 -2.39 -10.75 3.51
C TYR A 56 -2.94 -10.40 2.14
N ALA A 57 -4.09 -9.73 2.16
CA ALA A 57 -4.74 -9.26 0.95
C ALA A 57 -4.50 -7.75 0.99
N ALA A 58 -4.42 -7.11 -0.17
CA ALA A 58 -4.19 -5.67 -0.20
C ALA A 58 -5.01 -4.99 -1.28
N GLY A 59 -5.47 -3.78 -0.97
CA GLY A 59 -6.25 -3.00 -1.92
C GLY A 59 -5.64 -1.62 -1.98
N TYR A 60 -5.38 -1.14 -3.19
CA TYR A 60 -4.79 0.20 -3.36
C TYR A 60 -5.88 1.17 -3.82
N TYR A 61 -5.98 2.29 -3.13
CA TYR A 61 -6.99 3.32 -3.41
C TYR A 61 -6.37 4.66 -3.81
N VAL A 62 -7.08 5.40 -4.66
CA VAL A 62 -6.60 6.71 -5.07
C VAL A 62 -7.75 7.70 -5.23
N ASN A 63 -7.46 8.97 -5.00
CA ASN A 63 -8.47 10.01 -5.18
C ASN A 63 -8.60 10.07 -6.70
N GLU A 64 -9.82 10.00 -7.20
CA GLU A 64 -10.01 10.03 -8.64
C GLU A 64 -9.38 11.23 -9.35
N SER A 65 -9.05 12.25 -8.58
CA SER A 65 -8.45 13.45 -9.13
C SER A 65 -7.06 13.24 -9.73
N ILE A 66 -6.40 12.14 -9.37
CA ILE A 66 -5.07 11.87 -9.91
C ILE A 66 -5.10 11.34 -11.33
N LEU A 67 -6.27 10.87 -11.78
CA LEU A 67 -6.39 10.33 -13.12
C LEU A 67 -6.03 11.34 -14.20
N SER A 68 -6.48 12.58 -14.05
CA SER A 68 -6.19 13.60 -15.05
C SER A 68 -4.68 13.79 -15.20
N GLY A 69 -3.96 13.71 -14.09
CA GLY A 69 -2.52 13.88 -14.11
C GLY A 69 -1.77 12.76 -14.81
N LEU A 70 -2.48 11.72 -15.23
CA LEU A 70 -1.85 10.60 -15.89
C LEU A 70 -2.24 10.53 -17.37
N SER A 71 -2.79 11.62 -17.90
CA SER A 71 -3.24 11.67 -19.28
C SER A 71 -2.16 11.36 -20.32
N ALA A 72 -0.89 11.48 -19.95
CA ALA A 72 0.19 11.19 -20.90
C ALA A 72 0.17 9.72 -21.31
N TRP A 73 -0.40 8.87 -20.45
CA TRP A 73 -0.46 7.43 -20.70
C TRP A 73 -1.80 6.93 -21.23
N THR A 74 -2.65 7.85 -21.69
CA THR A 74 -3.95 7.46 -22.21
C THR A 74 -3.82 6.51 -23.40
N GLY A 75 -4.70 5.52 -23.46
CA GLY A 75 -4.69 4.56 -24.56
C GLY A 75 -3.66 3.46 -24.54
N ARG A 76 -2.92 3.32 -23.44
CA ARG A 76 -1.92 2.27 -23.37
C ARG A 76 -2.48 0.98 -22.78
N SER A 77 -1.88 -0.14 -23.14
CA SER A 77 -2.33 -1.45 -22.66
C SER A 77 -1.89 -1.70 -21.23
N ALA A 78 -2.47 -2.71 -20.61
CA ALA A 78 -2.14 -3.08 -19.25
C ALA A 78 -0.67 -3.48 -19.14
N ASP A 79 -0.18 -4.22 -20.13
CA ASP A 79 1.22 -4.65 -20.12
C ASP A 79 2.18 -3.47 -20.29
N GLU A 80 1.82 -2.51 -21.14
CA GLU A 80 2.65 -1.34 -21.35
C GLU A 80 2.70 -0.53 -20.06
N ILE A 81 1.56 -0.41 -19.41
CA ILE A 81 1.45 0.34 -18.17
C ILE A 81 2.22 -0.37 -17.05
N GLN A 82 2.04 -1.68 -16.96
CA GLN A 82 2.72 -2.45 -15.91
C GLN A 82 4.24 -2.32 -15.93
N ARG A 83 4.83 -2.35 -17.13
CA ARG A 83 6.29 -2.27 -17.23
C ARG A 83 6.84 -0.85 -17.28
N ASP A 84 5.99 0.15 -17.15
CA ASP A 84 6.43 1.55 -17.20
C ASP A 84 6.67 2.14 -15.81
N SER A 85 7.94 2.22 -15.39
CA SER A 85 8.27 2.77 -14.09
C SER A 85 7.85 4.23 -13.92
N SER A 86 7.93 5.01 -15.00
CA SER A 86 7.56 6.42 -14.94
C SER A 86 6.09 6.65 -14.60
N LEU A 87 5.23 5.72 -15.02
CA LEU A 87 3.81 5.85 -14.73
C LEU A 87 3.57 5.67 -13.23
N PHE A 88 4.17 4.66 -12.65
CA PHE A 88 3.99 4.43 -11.21
C PHE A 88 4.63 5.56 -10.40
N VAL A 89 5.75 6.09 -10.87
CA VAL A 89 6.37 7.20 -10.15
C VAL A 89 5.39 8.38 -10.22
N SER A 90 4.76 8.57 -11.37
CA SER A 90 3.81 9.67 -11.54
C SER A 90 2.61 9.52 -10.60
N ILE A 91 2.22 8.28 -10.32
CA ILE A 91 1.11 8.02 -9.40
C ILE A 91 1.56 8.48 -8.01
N PHE A 92 2.78 8.11 -7.65
CA PHE A 92 3.35 8.48 -6.36
C PHE A 92 3.46 9.99 -6.20
N GLN A 93 3.86 10.66 -7.28
CA GLN A 93 4.04 12.11 -7.26
C GLN A 93 2.77 12.93 -7.38
N ALA A 94 1.67 12.29 -7.78
CA ALA A 94 0.40 12.99 -7.94
C ALA A 94 0.03 13.77 -6.67
N GLN A 95 -0.46 14.99 -6.85
CA GLN A 95 -0.83 15.85 -5.73
C GLN A 95 -2.17 15.51 -5.10
N ALA A 96 -2.43 14.22 -4.91
CA ALA A 96 -3.68 13.77 -4.30
C ALA A 96 -3.41 12.63 -3.33
N GLU A 97 -4.44 12.21 -2.63
CA GLU A 97 -4.31 11.14 -1.63
C GLU A 97 -4.42 9.75 -2.24
N LYS A 98 -3.64 8.81 -1.71
CA LYS A 98 -3.69 7.42 -2.13
C LYS A 98 -3.51 6.62 -0.85
N SER A 99 -4.00 5.39 -0.86
CA SER A 99 -3.86 4.58 0.33
C SER A 99 -3.85 3.09 0.03
N LEU A 100 -3.11 2.35 0.84
CA LEU A 100 -3.06 0.91 0.70
C LEU A 100 -3.74 0.32 1.93
N GLN A 101 -4.71 -0.55 1.70
CA GLN A 101 -5.41 -1.22 2.80
C GLN A 101 -4.92 -2.67 2.81
N ILE A 102 -4.26 -3.05 3.90
CA ILE A 102 -3.76 -4.41 4.05
C ILE A 102 -4.61 -5.14 5.06
N VAL A 103 -5.07 -6.34 4.69
CA VAL A 103 -5.90 -7.16 5.59
C VAL A 103 -5.19 -8.48 5.81
N LEU A 104 -4.78 -8.74 7.05
CA LEU A 104 -4.06 -9.98 7.35
C LEU A 104 -4.99 -11.18 7.24
N VAL A 105 -4.50 -12.24 6.63
CA VAL A 105 -5.27 -13.47 6.49
C VAL A 105 -4.66 -14.59 7.32
N ARG A 106 -3.70 -14.22 8.17
CA ARG A 106 -3.04 -15.17 9.08
C ARG A 106 -2.35 -14.35 10.16
N ASP A 107 -2.08 -14.99 11.30
CA ASP A 107 -1.42 -14.29 12.39
C ASP A 107 0.02 -13.98 11.99
N VAL A 108 0.52 -12.83 12.42
CA VAL A 108 1.89 -12.42 12.14
C VAL A 108 2.50 -12.05 13.48
N ASP A 109 3.55 -12.76 13.90
CA ASP A 109 4.16 -12.46 15.18
C ASP A 109 5.17 -11.32 15.06
N GLY A 110 5.68 -10.88 16.20
CA GLY A 110 6.63 -9.77 16.22
C GLY A 110 7.86 -9.90 15.35
N LYS A 111 8.62 -10.97 15.52
CA LYS A 111 9.85 -11.15 14.74
C LYS A 111 9.56 -11.18 13.24
N THR A 112 8.47 -11.83 12.86
CA THR A 112 8.10 -11.92 11.45
C THR A 112 7.86 -10.51 10.91
N PHE A 113 7.13 -9.72 11.69
CA PHE A 113 6.84 -8.35 11.28
C PHE A 113 8.09 -7.49 11.16
N TRP A 114 8.93 -7.47 12.19
CA TRP A 114 10.15 -6.66 12.13
C TRP A 114 11.08 -7.12 11.01
N ASP A 115 11.17 -8.42 10.80
CA ASP A 115 12.02 -8.94 9.72
C ASP A 115 11.57 -8.42 8.38
N ALA A 116 10.26 -8.47 8.14
CA ALA A 116 9.72 -8.00 6.87
C ALA A 116 9.90 -6.49 6.69
N LEU A 117 9.70 -5.74 7.77
CA LEU A 117 9.85 -4.29 7.70
C LEU A 117 11.30 -3.91 7.43
N ASP A 118 12.23 -4.62 8.07
CA ASP A 118 13.65 -4.36 7.89
C ASP A 118 14.06 -4.70 6.47
N GLU A 119 13.60 -5.84 5.99
CA GLU A 119 13.93 -6.29 4.64
C GLU A 119 13.39 -5.33 3.58
N ALA A 120 12.28 -4.68 3.90
CA ALA A 120 11.67 -3.74 2.97
C ALA A 120 12.31 -2.36 2.99
N ILE A 121 12.57 -1.86 4.19
CA ILE A 121 13.14 -0.52 4.37
C ILE A 121 14.65 -0.37 4.24
N SER A 122 15.38 -1.23 4.94
CA SER A 122 16.84 -1.17 4.95
C SER A 122 17.54 -1.08 3.60
N PRO A 123 17.18 -1.97 2.65
CA PRO A 123 17.81 -1.94 1.33
C PRO A 123 17.48 -0.67 0.54
N ARG A 124 16.38 -0.02 0.90
CA ARG A 124 15.94 1.17 0.22
C ARG A 124 16.42 2.49 0.82
N ILE A 125 16.84 2.45 2.08
CA ILE A 125 17.35 3.63 2.77
C ILE A 125 18.65 3.22 3.47
N LYS A 126 19.72 3.11 2.69
CA LYS A 126 21.02 2.71 3.20
C LYS A 126 21.56 3.60 4.30
N SER A 127 21.36 4.91 4.13
CA SER A 127 21.83 5.88 5.12
C SER A 127 20.71 6.82 5.50
N PRO A 128 19.85 6.40 6.44
CA PRO A 128 18.72 7.21 6.91
C PRO A 128 19.16 8.55 7.48
N SER A 129 18.40 9.59 7.17
CA SER A 129 18.68 10.92 7.71
C SER A 129 18.07 10.92 9.10
N SER A 130 18.35 11.95 9.90
CA SER A 130 17.78 12.00 11.24
C SER A 130 16.25 12.03 11.12
N GLU A 131 15.76 12.70 10.09
CA GLU A 131 14.32 12.80 9.86
C GLU A 131 13.72 11.42 9.55
N ASP A 132 14.46 10.60 8.80
CA ASP A 132 13.98 9.26 8.45
C ASP A 132 13.92 8.39 9.70
N THR A 133 14.94 8.52 10.55
CA THR A 133 14.99 7.73 11.78
C THR A 133 13.81 8.05 12.67
N THR A 134 13.48 9.33 12.77
CA THR A 134 12.36 9.76 13.58
C THR A 134 11.04 9.22 13.03
N ALA A 135 10.89 9.31 11.71
CA ALA A 135 9.66 8.82 11.07
C ALA A 135 9.51 7.31 11.29
N LEU A 136 10.61 6.58 11.13
CA LEU A 136 10.56 5.12 11.32
C LEU A 136 10.29 4.72 12.76
N SER A 137 10.80 5.50 13.70
CA SER A 137 10.57 5.22 15.11
C SER A 137 9.09 5.38 15.42
N THR A 138 8.51 6.47 14.90
CA THR A 138 7.10 6.75 15.11
C THR A 138 6.27 5.63 14.46
N PHE A 139 6.67 5.24 13.27
CA PHE A 139 5.99 4.16 12.53
C PHE A 139 5.99 2.87 13.34
N CYS A 140 7.16 2.48 13.84
CA CYS A 140 7.29 1.24 14.61
C CYS A 140 6.53 1.26 15.93
N CYS A 141 6.51 2.41 16.59
CA CYS A 141 5.82 2.54 17.87
C CYS A 141 4.38 2.08 17.79
N ILE A 142 3.73 2.32 16.66
CA ILE A 142 2.33 1.92 16.46
C ILE A 142 2.16 0.40 16.53
N PHE A 143 3.17 -0.33 16.08
CA PHE A 143 3.12 -1.78 16.04
C PHE A 143 3.74 -2.49 17.24
N GLN A 144 4.54 -1.76 18.02
CA GLN A 144 5.18 -2.37 19.18
C GLN A 144 4.14 -2.77 20.22
N ASN A 145 4.32 -3.96 20.81
CA ASN A 145 3.41 -4.48 21.82
C ASN A 145 1.98 -4.54 21.29
N ARG A 146 1.85 -4.81 19.99
CA ARG A 146 0.55 -4.93 19.36
C ARG A 146 0.46 -6.21 18.57
N PRO A 147 -0.40 -7.15 19.01
CA PRO A 147 -0.54 -8.42 18.30
C PRO A 147 -1.22 -8.24 16.94
N LEU A 148 -0.55 -8.71 15.89
CA LEU A 148 -1.10 -8.60 14.55
C LEU A 148 -1.74 -9.93 14.17
N ASN A 149 -2.95 -10.16 14.66
CA ASN A 149 -3.63 -11.40 14.36
C ASN A 149 -4.43 -11.29 13.08
N LYS A 150 -4.84 -12.45 12.57
CA LYS A 150 -5.62 -12.53 11.35
C LYS A 150 -6.81 -11.58 11.47
N GLY A 151 -7.13 -10.89 10.39
CA GLY A 151 -8.23 -9.95 10.42
C GLY A 151 -7.79 -8.54 10.69
N SER A 152 -6.55 -8.37 11.13
CA SER A 152 -6.02 -7.04 11.41
C SER A 152 -5.99 -6.26 10.09
N VAL A 153 -6.29 -4.97 10.17
CA VAL A 153 -6.28 -4.10 8.99
C VAL A 153 -5.27 -2.98 9.21
N ILE A 154 -4.42 -2.76 8.21
CA ILE A 154 -3.41 -1.71 8.30
C ILE A 154 -3.66 -0.75 7.15
N LEU A 155 -3.61 0.54 7.43
CA LEU A 155 -3.78 1.55 6.41
C LEU A 155 -2.51 2.35 6.29
N LEU A 156 -1.99 2.42 5.06
CA LEU A 156 -0.80 3.21 4.76
C LEU A 156 -1.32 4.26 3.78
N THR A 157 -1.49 5.48 4.28
CA THR A 157 -2.02 6.55 3.45
C THR A 157 -0.98 7.62 3.08
N TRP A 158 -0.84 7.83 1.78
CA TRP A 158 0.08 8.83 1.26
C TRP A 158 -0.67 10.14 1.06
N ILE A 159 -0.24 11.19 1.76
CA ILE A 159 -0.88 12.50 1.63
C ILE A 159 -0.12 13.30 0.58
N ASN A 160 1.20 13.18 0.60
CA ASN A 160 2.08 13.82 -0.38
C ASN A 160 3.35 12.97 -0.47
N THR A 161 4.32 13.39 -1.27
CA THR A 161 5.53 12.58 -1.41
C THR A 161 6.41 12.48 -0.16
N SER A 162 5.98 13.10 0.94
CA SER A 162 6.78 13.04 2.17
C SER A 162 5.96 12.85 3.43
N ASN A 163 4.63 12.83 3.32
CA ASN A 163 3.77 12.65 4.49
C ASN A 163 2.87 11.43 4.37
N MET A 164 2.82 10.62 5.44
CA MET A 164 1.99 9.43 5.47
C MET A 164 1.18 9.33 6.76
N LEU A 165 -0.03 8.79 6.65
CA LEU A 165 -0.88 8.56 7.82
C LEU A 165 -0.95 7.05 7.96
N VAL A 166 -0.70 6.56 9.18
CA VAL A 166 -0.72 5.12 9.40
C VAL A 166 -1.71 4.75 10.50
N SER A 167 -2.52 3.73 10.23
CA SER A 167 -3.51 3.24 11.19
C SER A 167 -3.54 1.73 11.20
N VAL A 168 -3.88 1.15 12.35
CA VAL A 168 -3.97 -0.29 12.48
C VAL A 168 -5.13 -0.65 13.39
N SER A 169 -5.89 -1.67 13.01
CA SER A 169 -7.02 -2.14 13.82
C SER A 169 -6.89 -3.65 13.90
N SER A 170 -7.59 -4.25 14.87
CA SER A 170 -7.54 -5.70 15.02
C SER A 170 -8.66 -6.31 14.18
N GLY A 171 -9.41 -5.43 13.51
CA GLY A 171 -10.51 -5.88 12.67
C GLY A 171 -11.34 -4.70 12.23
N GLY A 172 -11.76 -4.69 10.97
CA GLY A 172 -12.55 -3.58 10.48
C GLY A 172 -11.66 -2.42 10.06
N LEU A 173 -12.19 -1.56 9.19
CA LEU A 173 -11.43 -0.41 8.70
C LEU A 173 -11.13 0.57 9.83
N PRO A 174 -9.85 0.94 10.01
CA PRO A 174 -9.50 1.88 11.08
C PRO A 174 -10.31 3.18 10.90
N THR A 175 -10.61 3.85 12.01
CA THR A 175 -11.39 5.09 11.93
C THR A 175 -10.56 6.26 12.44
N ASN A 176 -9.38 5.95 12.97
CA ASN A 176 -8.50 6.95 13.54
C ASN A 176 -7.14 6.95 12.87
N VAL A 177 -6.42 8.08 12.97
CA VAL A 177 -5.07 8.18 12.44
C VAL A 177 -4.15 7.89 13.62
N ASP A 178 -3.47 6.75 13.59
CA ASP A 178 -2.59 6.40 14.70
C ASP A 178 -1.28 7.17 14.69
N ALA A 179 -0.76 7.46 13.50
CA ALA A 179 0.47 8.22 13.40
C ALA A 179 0.55 8.97 12.09
N THR A 180 1.18 10.15 12.14
CA THR A 180 1.41 10.94 10.94
C THR A 180 2.93 11.10 10.91
N ILE A 181 3.55 10.66 9.82
CA ILE A 181 5.00 10.76 9.72
C ILE A 181 5.43 11.62 8.55
N GLU A 182 6.61 12.21 8.67
CA GLU A 182 7.15 13.08 7.63
C GLU A 182 8.55 12.59 7.26
N SER A 183 8.70 12.19 5.99
CA SER A 183 9.98 11.70 5.47
C SER A 183 9.81 11.26 4.04
N GLY A 184 10.46 11.98 3.12
CA GLY A 184 10.36 11.62 1.73
C GLY A 184 10.98 10.26 1.44
N ASN A 185 12.07 9.93 2.12
CA ASN A 185 12.73 8.65 1.89
C ASN A 185 11.87 7.48 2.35
N VAL A 186 11.22 7.62 3.49
CA VAL A 186 10.38 6.54 4.02
C VAL A 186 9.12 6.39 3.17
N THR A 187 8.52 7.52 2.81
CA THR A 187 7.30 7.51 2.01
C THR A 187 7.58 6.89 0.64
N SER A 188 8.71 7.26 0.03
CA SER A 188 9.09 6.71 -1.26
C SER A 188 9.41 5.22 -1.16
N ALA A 189 10.13 4.85 -0.10
CA ALA A 189 10.51 3.46 0.11
C ALA A 189 9.26 2.55 0.20
N LEU A 190 8.30 2.95 1.02
CA LEU A 190 7.08 2.14 1.18
C LEU A 190 6.32 2.00 -0.14
N PHE A 191 6.29 3.05 -0.96
CA PHE A 191 5.60 2.96 -2.24
C PHE A 191 6.33 1.96 -3.14
N ASP A 192 7.67 2.04 -3.15
CA ASP A 192 8.50 1.17 -3.97
C ASP A 192 8.32 -0.30 -3.60
N VAL A 193 8.10 -0.56 -2.32
CA VAL A 193 7.89 -1.92 -1.82
C VAL A 193 6.77 -2.60 -2.60
N PHE A 194 5.72 -1.84 -2.89
CA PHE A 194 4.55 -2.39 -3.59
C PHE A 194 4.47 -2.14 -5.09
N PHE A 195 5.06 -1.07 -5.57
CA PHE A 195 4.97 -0.76 -7.00
C PHE A 195 6.28 -0.61 -7.76
N GLY A 196 7.39 -0.96 -7.12
CA GLY A 196 8.69 -0.88 -7.77
C GLY A 196 8.96 -2.08 -8.68
N ASP A 197 10.22 -2.28 -9.03
CA ASP A 197 10.63 -3.37 -9.92
C ASP A 197 10.41 -4.76 -9.35
N SER A 198 10.47 -4.88 -8.03
CA SER A 198 10.27 -6.17 -7.37
C SER A 198 9.17 -6.03 -6.32
N PRO A 199 7.92 -5.82 -6.77
CA PRO A 199 6.79 -5.67 -5.85
C PRO A 199 6.58 -6.90 -4.97
N VAL A 200 6.30 -6.69 -3.69
CA VAL A 200 6.07 -7.80 -2.79
C VAL A 200 4.80 -8.52 -3.20
N SER A 201 3.91 -7.81 -3.87
CA SER A 201 2.67 -8.39 -4.36
C SER A 201 2.54 -8.14 -5.86
N PRO A 202 3.06 -9.05 -6.67
CA PRO A 202 2.97 -8.88 -8.13
C PRO A 202 1.52 -8.79 -8.58
N THR A 203 0.63 -9.51 -7.90
CA THR A 203 -0.79 -9.47 -8.25
C THR A 203 -1.37 -8.08 -8.05
N LEU A 204 -1.03 -7.42 -6.95
CA LEU A 204 -1.56 -6.08 -6.71
C LEU A 204 -1.11 -5.11 -7.80
N LYS A 205 0.17 -5.15 -8.16
CA LYS A 205 0.68 -4.26 -9.20
C LYS A 205 -0.01 -4.52 -10.54
N SER A 206 -0.17 -5.78 -10.89
CA SER A 206 -0.83 -6.13 -12.15
C SER A 206 -2.28 -5.68 -12.16
N SER A 207 -2.95 -5.82 -11.02
CA SER A 207 -4.34 -5.43 -10.91
C SER A 207 -4.48 -3.92 -11.16
N VAL A 208 -3.59 -3.15 -10.55
CA VAL A 208 -3.60 -1.69 -10.73
C VAL A 208 -3.32 -1.34 -12.18
N ALA A 209 -2.36 -2.02 -12.79
CA ALA A 209 -2.01 -1.78 -14.19
C ALA A 209 -3.22 -2.04 -15.10
N ASN A 210 -3.90 -3.16 -14.87
CA ASN A 210 -5.08 -3.49 -15.68
C ASN A 210 -6.17 -2.46 -15.54
N GLN A 211 -6.46 -2.07 -14.30
CA GLN A 211 -7.50 -1.08 -14.06
C GLN A 211 -7.17 0.26 -14.70
N LEU A 212 -5.90 0.67 -14.63
CA LEU A 212 -5.48 1.92 -15.23
C LEU A 212 -5.63 1.90 -16.74
N ALA A 213 -5.41 0.74 -17.34
CA ALA A 213 -5.55 0.63 -18.79
C ALA A 213 -7.01 0.86 -19.16
N MET A 214 -7.93 0.33 -18.35
CA MET A 214 -9.36 0.49 -18.60
C MET A 214 -9.81 1.93 -18.36
N THR A 215 -9.22 2.57 -17.35
CA THR A 215 -9.58 3.94 -16.99
C THR A 215 -8.96 5.02 -17.87
N LEU A 216 -7.72 4.83 -18.26
CA LEU A 216 -7.02 5.81 -19.10
C LEU A 216 -7.30 5.57 -20.58
N VAL A 217 -8.56 5.28 -20.91
CA VAL A 217 -8.95 5.03 -22.29
C VAL A 217 -9.39 6.32 -22.96
C1 PLM B . 5.85 -7.13 3.10
O1 PLM B . 4.86 -7.83 2.81
O2 PLM B . 6.98 -7.64 3.29
C2 PLM B . 5.65 -5.62 3.23
C3 PLM B . 6.77 -4.97 4.03
C4 PLM B . 6.55 -3.47 4.12
C5 PLM B . 5.98 -3.08 5.48
C6 PLM B . 4.68 -2.29 5.32
C7 PLM B . 3.89 -2.29 6.63
C8 PLM B . 2.64 -3.16 6.51
C9 PLM B . 2.76 -4.38 7.42
CA PLM B . 1.89 -5.54 6.90
CB PLM B . 2.26 -6.84 7.60
CC PLM B . 3.05 -7.74 6.68
CD PLM B . 3.68 -8.91 7.44
CE PLM B . 4.89 -9.44 6.69
CF PLM B . 4.95 -10.96 6.75
CG PLM B . 5.74 -11.50 5.58
#